data_5W9E
#
_entry.id   5W9E
#
_cell.length_a   47.997
_cell.length_b   72.802
_cell.length_c   64.595
_cell.angle_alpha   90.00
_cell.angle_beta   98.57
_cell.angle_gamma   90.00
#
_symmetry.space_group_name_H-M   'P 1 21 1'
#
loop_
_entity.id
_entity.type
_entity.pdbx_description
1 polymer 'Calmodulin-domain protein kinase 1'
2 non-polymer 1-tert-butyl-3-[(3-chlorophenyl)sulfanyl]-1H-pyrazolo[3,4-d]pyrimidin-4-amine
3 water water
#
_entity_poly.entity_id   1
_entity_poly.type   'polypeptide(L)'
_entity_poly.pdbx_seq_one_letter_code
;GPGSMMDHLHATPGMFVQHSTAIFSDRYKGQRVLGKGSFGEVILCKDKITGQECAVKVISKRQVKQKTDKESLLREVQLL
KQLDHPNIMKLYEFFEDKGYFYLVGEVYTGGELFDEIISRKRFSEVDAARIIRQVLSGITYMHKNKIVHRDLKPENLLLE
SKSKDANIRIIDFGLSTHFEASKKMKDKIGTAYYIAPEVLHGTYDEKCDVWSTGVILYILLSGCPPFNGANEYDILKKVE
KGKYTFELPQWKKVSESAKDLIRKMLTYVPSMRISARDALDHEWIQTYTKEQISVDVPSLDNAILNIRQFQGTQKLAQAA
LLYMGSKLTSQDETKELTAIFHKMDKNGDGQLDRAELIEGYKELMRMKGQDASMLDASAVEHEVDQVLDAVDFDKNGYIE
YSEFVTVAMDRKTLLSRERLERAFRMFDSDNSGKISSTELATIFGVSDVDSETWKSVLSEVDKNNDGEVDFDEFQQMLLK
LCGN
;
_entity_poly.pdbx_strand_id   A
#
loop_
_chem_comp.id
_chem_comp.type
_chem_comp.name
_chem_comp.formula
9YJ non-polymer 1-tert-butyl-3-[(3-chlorophenyl)sulfanyl]-1H-pyrazolo[3,4-d]pyrimidin-4-amine 'C15 H16 Cl N5 S'
#
# COMPACT_ATOMS: atom_id res chain seq x y z
N THR A 21 -14.60 7.41 27.06
CA THR A 21 -14.24 6.25 26.25
C THR A 21 -15.50 5.61 25.63
N ALA A 22 -15.56 5.57 24.28
CA ALA A 22 -16.67 4.97 23.53
C ALA A 22 -16.15 3.75 22.76
N ILE A 23 -17.04 2.78 22.47
CA ILE A 23 -16.67 1.54 21.78
C ILE A 23 -16.96 1.68 20.28
N PHE A 24 -16.03 1.19 19.44
CA PHE A 24 -16.14 1.24 17.99
C PHE A 24 -17.26 0.32 17.47
N SER A 25 -17.29 -0.94 17.94
CA SER A 25 -18.27 -1.95 17.51
C SER A 25 -19.73 -1.52 17.79
N ASP A 26 -19.97 -0.71 18.83
CA ASP A 26 -21.32 -0.23 19.15
C ASP A 26 -21.83 0.77 18.11
N ARG A 27 -20.93 1.51 17.43
CA ARG A 27 -21.31 2.50 16.43
C ARG A 27 -21.18 1.99 14.99
N TYR A 28 -20.15 1.18 14.69
CA TYR A 28 -19.89 0.74 13.31
C TYR A 28 -19.86 -0.79 13.17
N LYS A 29 -20.15 -1.27 11.95
CA LYS A 29 -20.14 -2.70 11.58
C LYS A 29 -19.34 -2.88 10.28
N GLY A 30 -18.57 -3.95 10.19
CA GLY A 30 -17.76 -4.25 9.01
C GLY A 30 -18.60 -4.79 7.86
N GLN A 31 -18.36 -4.28 6.62
CA GLN A 31 -19.07 -4.71 5.42
C GLN A 31 -18.17 -5.56 4.52
N ARG A 32 -16.99 -5.04 4.17
CA ARG A 32 -16.03 -5.78 3.33
C ARG A 32 -14.62 -5.18 3.47
N VAL A 33 -13.59 -5.98 3.17
CA VAL A 33 -12.20 -5.54 3.26
C VAL A 33 -11.88 -4.74 1.99
N LEU A 34 -11.41 -3.48 2.14
CA LEU A 34 -11.06 -2.63 0.99
C LEU A 34 -9.60 -2.88 0.56
N GLY A 35 -8.71 -3.08 1.52
CA GLY A 35 -7.31 -3.37 1.24
C GLY A 35 -6.38 -3.14 2.41
N LYS A 36 -5.06 -3.19 2.15
CA LYS A 36 -4.01 -3.00 3.16
C LYS A 36 -3.28 -1.69 2.90
N GLY A 37 -3.16 -0.88 3.94
CA GLY A 37 -2.49 0.42 3.88
C GLY A 37 -1.35 0.51 4.86
N SER A 38 -0.81 1.73 5.06
CA SER A 38 0.28 1.94 6.00
C SER A 38 -0.25 1.84 7.44
N PHE A 39 0.45 1.07 8.30
CA PHE A 39 0.16 0.86 9.73
C PHE A 39 -1.05 -0.07 10.00
N GLY A 40 -1.80 -0.50 8.98
CA GLY A 40 -2.93 -1.38 9.23
C GLY A 40 -3.84 -1.63 8.04
N GLU A 41 -4.86 -2.47 8.26
CA GLU A 41 -5.83 -2.86 7.23
C GLU A 41 -6.98 -1.86 7.18
N VAL A 42 -7.55 -1.64 5.98
CA VAL A 42 -8.67 -0.71 5.76
C VAL A 42 -9.95 -1.53 5.53
N ILE A 43 -11.03 -1.20 6.25
CA ILE A 43 -12.31 -1.92 6.17
C ILE A 43 -13.43 -0.96 5.79
N LEU A 44 -14.36 -1.41 4.93
CA LEU A 44 -15.55 -0.61 4.60
C LEU A 44 -16.53 -0.87 5.73
N CYS A 45 -16.82 0.16 6.52
CA CYS A 45 -17.74 0.03 7.64
C CYS A 45 -18.96 0.90 7.41
N LYS A 46 -20.03 0.62 8.14
CA LYS A 46 -21.28 1.35 8.02
C LYS A 46 -21.83 1.70 9.40
N ASP A 47 -22.34 2.94 9.56
CA ASP A 47 -22.92 3.39 10.83
C ASP A 47 -24.22 2.58 11.06
N LYS A 48 -24.40 2.05 12.28
CA LYS A 48 -25.55 1.21 12.62
C LYS A 48 -26.87 2.01 12.75
N ILE A 49 -26.84 3.37 12.71
CA ILE A 49 -28.05 4.19 12.83
C ILE A 49 -28.29 4.97 11.53
N THR A 50 -27.33 5.82 11.13
CA THR A 50 -27.49 6.68 9.96
C THR A 50 -27.24 5.95 8.63
N GLY A 51 -26.50 4.85 8.66
CA GLY A 51 -26.17 4.09 7.45
C GLY A 51 -25.08 4.72 6.60
N GLN A 52 -24.28 5.65 7.16
CA GLN A 52 -23.19 6.31 6.41
C GLN A 52 -22.01 5.35 6.24
N GLU A 53 -21.57 5.14 4.98
CA GLU A 53 -20.44 4.27 4.68
C GLU A 53 -19.15 5.01 5.03
N CYS A 54 -18.18 4.32 5.67
CA CYS A 54 -16.91 4.94 6.05
CA CYS A 54 -16.91 4.93 6.11
C CYS A 54 -15.76 3.94 5.95
N ALA A 55 -14.55 4.44 5.70
CA ALA A 55 -13.34 3.63 5.60
C ALA A 55 -12.70 3.68 6.98
N VAL A 56 -12.30 2.52 7.52
CA VAL A 56 -11.71 2.45 8.85
C VAL A 56 -10.34 1.77 8.80
N LYS A 57 -9.29 2.48 9.26
CA LYS A 57 -7.96 1.90 9.34
C LYS A 57 -7.77 1.34 10.74
N VAL A 58 -7.55 0.02 10.85
CA VAL A 58 -7.36 -0.66 12.13
C VAL A 58 -5.86 -0.86 12.36
N ILE A 59 -5.27 -0.08 13.28
CA ILE A 59 -3.84 -0.17 13.60
C ILE A 59 -3.68 -1.03 14.85
N SER A 60 -2.99 -2.19 14.71
CA SER A 60 -2.74 -3.08 15.85
C SER A 60 -1.63 -2.51 16.72
N LYS A 61 -1.88 -2.42 18.05
CA LYS A 61 -0.90 -1.88 19.01
C LYS A 61 0.32 -2.80 19.15
N ARG A 62 0.14 -4.11 18.93
CA ARG A 62 1.24 -5.09 19.03
C ARG A 62 2.19 -4.96 17.83
N GLN A 63 1.63 -4.86 16.62
CA GLN A 63 2.44 -4.78 15.39
C GLN A 63 3.02 -3.37 15.16
N VAL A 64 2.31 -2.30 15.56
CA VAL A 64 2.75 -0.91 15.35
C VAL A 64 3.04 -0.23 16.70
N LYS A 65 4.21 0.42 16.81
CA LYS A 65 4.62 1.14 18.03
C LYS A 65 4.29 2.63 17.89
N GLN A 66 4.08 3.31 19.03
CA GLN A 66 3.76 4.73 19.06
C GLN A 66 5.03 5.57 19.24
N LYS A 67 5.21 6.59 18.39
CA LYS A 67 6.34 7.52 18.48
C LYS A 67 6.09 8.63 19.51
N THR A 68 4.81 8.82 19.93
CA THR A 68 4.43 9.87 20.87
C THR A 68 3.52 9.32 21.98
N ASP A 69 3.25 10.14 23.01
CA ASP A 69 2.38 9.74 24.13
C ASP A 69 0.89 9.83 23.73
N LYS A 70 -0.03 9.42 24.63
CA LYS A 70 -1.47 9.42 24.34
C LYS A 70 -2.03 10.85 24.17
N GLU A 71 -1.62 11.79 25.04
CA GLU A 71 -2.10 13.19 24.98
C GLU A 71 -1.69 13.89 23.65
N SER A 72 -0.50 13.56 23.10
CA SER A 72 -0.04 14.14 21.84
C SER A 72 -0.85 13.60 20.65
N LEU A 73 -1.18 12.29 20.68
CA LEU A 73 -1.96 11.65 19.62
C LEU A 73 -3.41 12.18 19.60
N LEU A 74 -4.03 12.34 20.79
CA LEU A 74 -5.40 12.86 20.90
C LEU A 74 -5.49 14.33 20.41
N ARG A 75 -4.44 15.15 20.66
CA ARG A 75 -4.43 16.55 20.24
C ARG A 75 -4.32 16.68 18.71
N GLU A 76 -3.50 15.82 18.06
CA GLU A 76 -3.36 15.85 16.59
C GLU A 76 -4.62 15.29 15.93
N VAL A 77 -5.20 14.21 16.48
CA VAL A 77 -6.43 13.62 15.94
C VAL A 77 -7.54 14.66 15.95
N GLN A 78 -7.70 15.37 17.09
CA GLN A 78 -8.69 16.44 17.25
C GLN A 78 -8.48 17.55 16.19
N LEU A 79 -7.22 17.92 15.93
CA LEU A 79 -6.89 18.94 14.92
C LEU A 79 -7.23 18.40 13.53
N LEU A 80 -6.70 17.22 13.18
CA LEU A 80 -6.94 16.56 11.88
C LEU A 80 -8.44 16.44 11.54
N LYS A 81 -9.30 16.19 12.54
CA LYS A 81 -10.75 16.11 12.32
C LYS A 81 -11.33 17.47 11.90
N GLN A 82 -10.87 18.58 12.51
CA GLN A 82 -11.35 19.92 12.21
C GLN A 82 -10.83 20.45 10.86
N LEU A 83 -9.70 19.89 10.34
CA LEU A 83 -9.16 20.33 9.06
C LEU A 83 -10.00 19.84 7.90
N ASP A 84 -10.07 20.63 6.81
CA ASP A 84 -10.86 20.29 5.63
C ASP A 84 -10.25 20.88 4.37
N HIS A 85 -10.03 20.04 3.35
CA HIS A 85 -9.49 20.47 2.05
C HIS A 85 -9.94 19.45 0.98
N PRO A 86 -10.32 19.90 -0.26
CA PRO A 86 -10.78 18.92 -1.26
C PRO A 86 -9.72 17.89 -1.69
N ASN A 87 -8.41 18.15 -1.44
CA ASN A 87 -7.36 17.20 -1.83
C ASN A 87 -6.73 16.49 -0.61
N ILE A 88 -7.40 16.50 0.56
CA ILE A 88 -6.94 15.81 1.77
C ILE A 88 -8.06 14.90 2.25
N MET A 89 -7.73 13.68 2.71
CA MET A 89 -8.75 12.77 3.22
C MET A 89 -9.44 13.34 4.47
N LYS A 90 -10.77 13.18 4.54
CA LYS A 90 -11.54 13.64 5.69
C LYS A 90 -11.59 12.54 6.76
N LEU A 91 -11.15 12.89 7.99
CA LEU A 91 -11.17 12.01 9.16
C LEU A 91 -12.40 12.40 9.99
N TYR A 92 -13.21 11.42 10.43
CA TYR A 92 -14.46 11.68 11.17
C TYR A 92 -14.33 11.36 12.64
N GLU A 93 -13.94 10.12 12.98
CA GLU A 93 -13.84 9.67 14.38
C GLU A 93 -12.54 8.92 14.64
N PHE A 94 -12.28 8.69 15.93
CA PHE A 94 -11.12 7.96 16.41
C PHE A 94 -11.52 7.16 17.64
N PHE A 95 -11.18 5.86 17.67
CA PHE A 95 -11.48 4.98 18.80
C PHE A 95 -10.23 4.23 19.23
N GLU A 96 -10.28 3.69 20.44
CA GLU A 96 -9.14 2.99 21.02
C GLU A 96 -9.60 1.91 22.00
N ASP A 97 -8.90 0.77 22.03
CA ASP A 97 -9.15 -0.31 22.99
C ASP A 97 -7.79 -0.88 23.45
N LYS A 98 -7.78 -1.99 24.20
CA LYS A 98 -6.54 -2.57 24.76
C LYS A 98 -5.47 -2.91 23.69
N GLY A 99 -5.90 -3.31 22.48
CA GLY A 99 -4.96 -3.74 21.44
C GLY A 99 -5.09 -3.10 20.07
N TYR A 100 -5.96 -2.07 19.90
CA TYR A 100 -6.13 -1.44 18.57
C TYR A 100 -6.47 0.05 18.62
N PHE A 101 -6.22 0.73 17.48
CA PHE A 101 -6.59 2.12 17.21
C PHE A 101 -7.48 2.06 15.97
N TYR A 102 -8.63 2.75 15.97
CA TYR A 102 -9.54 2.76 14.81
C TYR A 102 -9.70 4.17 14.27
N LEU A 103 -9.07 4.46 13.13
CA LEU A 103 -9.20 5.76 12.49
C LEU A 103 -10.34 5.67 11.49
N VAL A 104 -11.43 6.41 11.72
CA VAL A 104 -12.62 6.38 10.86
C VAL A 104 -12.63 7.64 10.00
N GLY A 105 -12.80 7.48 8.69
CA GLY A 105 -12.84 8.61 7.76
C GLY A 105 -13.64 8.34 6.50
N GLU A 106 -13.57 9.28 5.55
CA GLU A 106 -14.33 9.19 4.29
C GLU A 106 -13.75 8.12 3.37
N VAL A 107 -14.63 7.36 2.69
CA VAL A 107 -14.24 6.30 1.77
C VAL A 107 -14.20 6.84 0.33
N TYR A 108 -13.15 6.46 -0.43
CA TYR A 108 -12.96 6.86 -1.84
C TYR A 108 -12.91 5.60 -2.70
N THR A 109 -13.61 5.63 -3.86
CA THR A 109 -13.78 4.46 -4.73
C THR A 109 -13.05 4.57 -6.10
N GLY A 110 -12.41 5.71 -6.37
CA GLY A 110 -11.69 5.92 -7.62
C GLY A 110 -10.39 5.15 -7.76
N GLY A 111 -9.90 4.56 -6.68
CA GLY A 111 -8.66 3.78 -6.70
C GLY A 111 -7.41 4.64 -6.69
N GLU A 112 -6.25 3.99 -6.80
CA GLU A 112 -4.96 4.66 -6.80
C GLU A 112 -4.74 5.40 -8.11
N LEU A 113 -4.11 6.58 -8.04
CA LEU A 113 -3.85 7.45 -9.19
C LEU A 113 -3.12 6.71 -10.33
N PHE A 114 -2.05 5.98 -10.02
CA PHE A 114 -1.24 5.30 -11.05
C PHE A 114 -2.02 4.14 -11.70
N ASP A 115 -2.92 3.47 -10.95
CA ASP A 115 -3.74 2.38 -11.52
C ASP A 115 -4.72 2.94 -12.58
N GLU A 116 -5.13 4.21 -12.42
CA GLU A 116 -6.03 4.87 -13.38
C GLU A 116 -5.26 5.39 -14.60
N ILE A 117 -4.05 5.96 -14.38
CA ILE A 117 -3.23 6.50 -15.47
C ILE A 117 -2.86 5.40 -16.50
N ILE A 118 -2.64 4.15 -16.05
CA ILE A 118 -2.26 3.06 -16.97
C ILE A 118 -3.49 2.60 -17.81
N SER A 119 -4.71 2.77 -17.29
CA SER A 119 -5.93 2.37 -18.01
C SER A 119 -6.28 3.36 -19.14
N ARG A 120 -6.03 4.67 -18.96
CA ARG A 120 -6.33 5.67 -20.00
C ARG A 120 -5.33 5.53 -21.17
N LYS A 121 -5.78 5.90 -22.39
CA LYS A 121 -4.98 5.75 -23.61
C LYS A 121 -3.89 6.83 -23.74
N ARG A 122 -4.24 8.12 -23.49
CA ARG A 122 -3.27 9.24 -23.66
C ARG A 122 -3.01 9.97 -22.33
N PHE A 123 -1.86 10.64 -22.25
CA PHE A 123 -1.42 11.39 -21.06
C PHE A 123 -0.36 12.40 -21.48
N SER A 124 -0.49 13.67 -21.04
CA SER A 124 0.43 14.75 -21.40
C SER A 124 0.80 15.61 -20.18
N GLU A 125 1.56 16.71 -20.39
CA GLU A 125 1.96 17.63 -19.32
C GLU A 125 0.77 18.34 -18.69
N VAL A 126 -0.33 18.54 -19.45
CA VAL A 126 -1.55 19.18 -18.93
C VAL A 126 -2.19 18.26 -17.87
N ASP A 127 -2.18 16.93 -18.12
CA ASP A 127 -2.72 15.95 -17.17
C ASP A 127 -1.81 15.88 -15.92
N ALA A 128 -0.48 15.87 -16.14
CA ALA A 128 0.51 15.83 -15.05
C ALA A 128 0.46 17.12 -14.22
N ALA A 129 0.30 18.28 -14.88
CA ALA A 129 0.20 19.58 -14.17
C ALA A 129 -1.08 19.63 -13.33
N ARG A 130 -2.21 19.12 -13.86
CA ARG A 130 -3.48 19.09 -13.12
C ARG A 130 -3.38 18.18 -11.89
N ILE A 131 -2.59 17.08 -11.99
CA ILE A 131 -2.38 16.13 -10.88
C ILE A 131 -1.55 16.80 -9.77
N ILE A 132 -0.38 17.34 -10.14
CA ILE A 132 0.56 17.93 -9.18
C ILE A 132 0.00 19.26 -8.59
N ARG A 133 -0.89 19.99 -9.32
CA ARG A 133 -1.50 21.22 -8.79
C ARG A 133 -2.40 20.87 -7.60
N GLN A 134 -3.11 19.72 -7.69
CA GLN A 134 -3.96 19.24 -6.60
C GLN A 134 -3.14 18.74 -5.43
N VAL A 135 -2.09 17.95 -5.72
CA VAL A 135 -1.22 17.40 -4.67
C VAL A 135 -0.56 18.55 -3.90
N LEU A 136 -0.06 19.57 -4.61
CA LEU A 136 0.56 20.75 -3.97
C LEU A 136 -0.47 21.58 -3.20
N SER A 137 -1.71 21.71 -3.72
CA SER A 137 -2.77 22.44 -3.03
C SER A 137 -3.07 21.81 -1.66
N GLY A 138 -3.08 20.48 -1.61
CA GLY A 138 -3.28 19.74 -0.37
C GLY A 138 -2.09 19.85 0.57
N ILE A 139 -0.88 19.67 0.04
CA ILE A 139 0.35 19.76 0.83
C ILE A 139 0.51 21.17 1.40
N THR A 140 0.25 22.21 0.58
CA THR A 140 0.38 23.61 1.01
C THR A 140 -0.56 23.88 2.19
N TYR A 141 -1.82 23.40 2.08
CA TYR A 141 -2.82 23.56 3.13
C TYR A 141 -2.39 22.89 4.44
N MET A 142 -1.92 21.63 4.35
CA MET A 142 -1.50 20.87 5.54
C MET A 142 -0.19 21.42 6.15
N HIS A 143 0.65 22.12 5.34
CA HIS A 143 1.88 22.73 5.86
C HIS A 143 1.56 23.98 6.69
N LYS A 144 0.54 24.75 6.27
CA LYS A 144 0.10 25.93 7.03
C LYS A 144 -0.49 25.53 8.40
N ASN A 145 -0.99 24.28 8.53
CA ASN A 145 -1.52 23.76 9.80
C ASN A 145 -0.44 22.94 10.58
N LYS A 146 0.86 23.07 10.19
CA LYS A 146 2.02 22.44 10.85
C LYS A 146 1.93 20.90 10.88
N ILE A 147 1.40 20.29 9.80
CA ILE A 147 1.30 18.84 9.69
C ILE A 147 2.11 18.40 8.46
N VAL A 148 2.99 17.39 8.65
CA VAL A 148 3.88 16.86 7.62
C VAL A 148 3.45 15.41 7.28
N HIS A 149 3.54 15.01 6.00
CA HIS A 149 3.23 13.63 5.59
C HIS A 149 4.42 12.72 5.87
N ARG A 150 5.59 13.02 5.24
CA ARG A 150 6.85 12.26 5.37
C ARG A 150 6.91 11.05 4.42
N ASP A 151 5.85 10.23 4.36
CA ASP A 151 5.83 9.02 3.54
C ASP A 151 4.92 9.19 2.32
N LEU A 152 4.92 10.38 1.70
CA LEU A 152 4.09 10.62 0.52
C LEU A 152 4.60 9.81 -0.67
N LYS A 153 3.70 9.13 -1.36
CA LYS A 153 4.03 8.28 -2.51
C LYS A 153 2.75 8.08 -3.37
N PRO A 154 2.86 7.59 -4.63
CA PRO A 154 1.65 7.40 -5.46
C PRO A 154 0.54 6.57 -4.80
N GLU A 155 0.92 5.54 -4.01
CA GLU A 155 -0.03 4.68 -3.28
C GLU A 155 -0.94 5.51 -2.36
N ASN A 156 -0.43 6.65 -1.81
CA ASN A 156 -1.22 7.52 -0.94
C ASN A 156 -2.04 8.56 -1.73
N LEU A 157 -2.10 8.47 -3.07
CA LEU A 157 -2.89 9.38 -3.88
C LEU A 157 -4.09 8.62 -4.45
N LEU A 158 -5.24 8.69 -3.75
CA LEU A 158 -6.46 8.02 -4.19
C LEU A 158 -7.34 9.00 -4.94
N LEU A 159 -8.16 8.48 -5.85
CA LEU A 159 -9.11 9.30 -6.60
C LEU A 159 -10.46 9.21 -5.88
N GLU A 160 -11.15 10.36 -5.73
CA GLU A 160 -12.39 10.46 -4.95
C GLU A 160 -13.51 9.55 -5.45
N SER A 161 -13.65 9.40 -6.78
CA SER A 161 -14.72 8.58 -7.37
C SER A 161 -14.30 8.00 -8.73
N LYS A 162 -15.15 7.11 -9.30
CA LYS A 162 -14.90 6.49 -10.60
C LYS A 162 -15.37 7.42 -11.73
N SER A 163 -14.63 8.53 -11.94
CA SER A 163 -14.94 9.52 -12.97
C SER A 163 -13.66 9.95 -13.69
N LYS A 164 -13.81 10.59 -14.86
CA LYS A 164 -12.66 11.09 -15.62
C LYS A 164 -12.06 12.32 -14.93
N ASP A 165 -12.94 13.26 -14.50
CA ASP A 165 -12.52 14.48 -13.80
C ASP A 165 -12.74 14.32 -12.28
N ALA A 166 -12.03 13.35 -11.67
CA ALA A 166 -12.14 13.06 -10.23
C ALA A 166 -11.00 13.74 -9.48
N ASN A 167 -11.31 14.37 -8.33
CA ASN A 167 -10.27 15.02 -7.51
C ASN A 167 -9.41 13.99 -6.80
N ILE A 168 -8.13 14.32 -6.57
CA ILE A 168 -7.18 13.45 -5.87
C ILE A 168 -7.29 13.73 -4.38
N ARG A 169 -7.20 12.68 -3.55
CA ARG A 169 -7.24 12.81 -2.10
C ARG A 169 -5.98 12.19 -1.51
N ILE A 170 -5.19 12.99 -0.75
CA ILE A 170 -3.97 12.49 -0.10
C ILE A 170 -4.39 11.79 1.18
N ILE A 171 -3.95 10.54 1.38
CA ILE A 171 -4.31 9.76 2.57
C ILE A 171 -3.10 9.62 3.51
N ASP A 172 -3.37 9.23 4.78
CA ASP A 172 -2.37 9.02 5.83
C ASP A 172 -1.53 10.29 6.11
N PHE A 173 -2.12 11.47 6.06
CA PHE A 173 -1.39 12.70 6.35
C PHE A 173 -1.28 12.86 7.88
N GLY A 174 -0.05 12.93 8.38
CA GLY A 174 0.24 13.09 9.80
C GLY A 174 0.38 11.82 10.61
N LEU A 175 0.10 10.63 10.03
CA LEU A 175 0.18 9.37 10.78
C LEU A 175 1.64 8.95 11.05
N SER A 176 2.59 9.36 10.19
CA SER A 176 4.00 9.03 10.37
C SER A 176 4.61 9.71 11.61
N THR A 177 4.05 10.84 12.04
CA THR A 177 4.52 11.56 13.22
C THR A 177 4.27 10.77 14.51
N HIS A 178 3.15 10.02 14.56
CA HIS A 178 2.73 9.30 15.77
C HIS A 178 2.90 7.77 15.70
N PHE A 179 3.18 7.18 14.52
CA PHE A 179 3.33 5.73 14.40
C PHE A 179 4.65 5.38 13.71
N GLU A 180 5.37 4.36 14.24
CA GLU A 180 6.67 3.95 13.71
C GLU A 180 6.51 3.12 12.44
N ALA A 181 7.36 3.40 11.43
CA ALA A 181 7.33 2.69 10.15
C ALA A 181 7.75 1.23 10.32
N SER A 182 7.14 0.34 9.53
CA SER A 182 7.43 -1.09 9.59
C SER A 182 8.77 -1.40 8.94
N LYS A 183 9.49 -2.41 9.47
CA LYS A 183 10.76 -2.88 8.94
C LYS A 183 10.55 -4.11 8.03
N LYS A 184 9.30 -4.63 7.95
CA LYS A 184 8.99 -5.79 7.11
C LYS A 184 8.92 -5.31 5.65
N MET A 185 9.58 -6.05 4.74
CA MET A 185 9.65 -5.66 3.33
C MET A 185 8.27 -5.66 2.63
N LYS A 186 7.30 -6.46 3.12
CA LYS A 186 5.94 -6.46 2.55
C LYS A 186 5.22 -5.12 2.81
N ASP A 187 5.64 -4.35 3.83
CA ASP A 187 5.08 -3.05 4.17
C ASP A 187 5.95 -1.86 3.67
N LYS A 188 7.13 -2.14 3.06
CA LYS A 188 8.06 -1.11 2.57
C LYS A 188 8.19 -1.07 1.03
N ILE A 189 7.26 -1.71 0.27
CA ILE A 189 7.34 -1.71 -1.19
C ILE A 189 7.06 -0.30 -1.72
N GLY A 190 7.96 0.19 -2.56
CA GLY A 190 7.83 1.50 -3.20
C GLY A 190 7.88 2.66 -2.23
N THR A 191 8.83 2.64 -1.29
CA THR A 191 9.03 3.71 -0.32
C THR A 191 10.38 4.41 -0.55
N ALA A 192 11.45 3.62 -0.79
CA ALA A 192 12.81 4.13 -1.02
C ALA A 192 12.89 5.13 -2.19
N TYR A 193 12.02 5.02 -3.21
CA TYR A 193 12.05 5.91 -4.37
C TYR A 193 11.70 7.35 -4.01
N TYR A 194 10.71 7.54 -3.12
CA TYR A 194 10.10 8.83 -2.81
C TYR A 194 10.59 9.46 -1.50
N ILE A 195 11.27 8.71 -0.62
CA ILE A 195 11.73 9.24 0.67
C ILE A 195 12.82 10.31 0.45
N ALA A 196 12.71 11.45 1.18
CA ALA A 196 13.67 12.55 1.07
C ALA A 196 15.00 12.19 1.75
N PRO A 197 16.15 12.69 1.24
CA PRO A 197 17.44 12.32 1.86
C PRO A 197 17.56 12.71 3.33
N GLU A 198 17.01 13.88 3.72
CA GLU A 198 17.08 14.37 5.09
C GLU A 198 16.29 13.48 6.08
N VAL A 199 15.27 12.72 5.60
CA VAL A 199 14.48 11.84 6.47
C VAL A 199 15.35 10.63 6.88
N LEU A 200 16.28 10.20 6.00
CA LEU A 200 17.16 9.08 6.30
C LEU A 200 18.18 9.43 7.39
N HIS A 201 18.65 10.68 7.42
CA HIS A 201 19.66 11.11 8.39
C HIS A 201 19.05 11.62 9.72
N GLY A 202 17.75 11.91 9.76
CA GLY A 202 17.07 12.31 10.99
C GLY A 202 16.52 13.72 11.07
N THR A 203 17.25 14.73 10.53
CA THR A 203 16.80 16.11 10.61
C THR A 203 15.94 16.44 9.39
N TYR A 204 14.62 16.55 9.58
CA TYR A 204 13.73 16.88 8.47
C TYR A 204 12.56 17.73 8.94
N ASP A 205 12.00 18.51 8.00
CA ASP A 205 10.86 19.39 8.23
C ASP A 205 9.82 19.15 7.11
N GLU A 206 8.86 20.07 6.91
CA GLU A 206 7.81 19.91 5.89
C GLU A 206 8.36 19.88 4.43
N LYS A 207 9.59 20.36 4.17
CA LYS A 207 10.15 20.35 2.81
C LYS A 207 10.38 18.92 2.26
N CYS A 208 10.37 17.88 3.12
CA CYS A 208 10.53 16.49 2.65
C CYS A 208 9.35 16.08 1.73
N ASP A 209 8.16 16.67 1.93
CA ASP A 209 6.98 16.39 1.09
C ASP A 209 7.12 16.99 -0.31
N VAL A 210 7.85 18.10 -0.45
CA VAL A 210 8.07 18.71 -1.77
C VAL A 210 8.96 17.78 -2.60
N TRP A 211 10.01 17.22 -1.98
CA TRP A 211 10.91 16.27 -2.64
C TRP A 211 10.10 15.06 -3.14
N SER A 212 9.27 14.47 -2.25
CA SER A 212 8.44 13.32 -2.59
C SER A 212 7.51 13.60 -3.77
N THR A 213 6.96 14.83 -3.84
CA THR A 213 6.10 15.24 -4.96
C THR A 213 6.95 15.44 -6.22
N GLY A 214 8.17 15.96 -6.04
CA GLY A 214 9.13 16.13 -7.13
C GLY A 214 9.49 14.82 -7.80
N VAL A 215 9.61 13.74 -6.99
CA VAL A 215 9.88 12.40 -7.49
C VAL A 215 8.67 11.90 -8.28
N ILE A 216 7.44 12.11 -7.74
CA ILE A 216 6.20 11.67 -8.41
C ILE A 216 6.08 12.40 -9.77
N LEU A 217 6.32 13.73 -9.79
CA LEU A 217 6.31 14.52 -11.03
C LEU A 217 7.32 13.97 -12.06
N TYR A 218 8.54 13.60 -11.59
CA TYR A 218 9.57 13.02 -12.45
C TYR A 218 9.06 11.71 -13.12
N ILE A 219 8.37 10.85 -12.35
CA ILE A 219 7.84 9.58 -12.87
C ILE A 219 6.63 9.84 -13.79
N LEU A 220 5.76 10.80 -13.48
CA LEU A 220 4.61 11.08 -14.34
C LEU A 220 5.05 11.47 -15.77
N LEU A 221 6.14 12.25 -15.90
CA LEU A 221 6.61 12.75 -17.20
C LEU A 221 7.62 11.82 -17.91
N SER A 222 8.17 10.79 -17.24
CA SER A 222 9.11 9.83 -17.88
C SER A 222 8.72 8.35 -17.69
N GLY A 223 8.16 8.02 -16.53
CA GLY A 223 7.76 6.66 -16.19
C GLY A 223 8.85 5.82 -15.54
N CYS A 224 9.97 6.48 -15.16
N CYS A 224 9.97 6.46 -15.16
CA CYS A 224 11.11 5.81 -14.52
CA CYS A 224 11.10 5.80 -14.51
C CYS A 224 11.48 6.62 -13.27
C CYS A 224 11.48 6.61 -13.28
N PRO A 225 11.70 6.00 -12.09
CA PRO A 225 12.12 6.79 -10.91
C PRO A 225 13.47 7.49 -11.11
N PRO A 226 13.66 8.72 -10.59
CA PRO A 226 14.96 9.40 -10.76
C PRO A 226 16.10 8.68 -10.02
N PHE A 227 15.81 8.12 -8.83
CA PHE A 227 16.78 7.35 -8.06
C PHE A 227 16.30 5.90 -8.06
N ASN A 228 17.01 5.02 -8.81
CA ASN A 228 16.62 3.62 -8.97
C ASN A 228 17.80 2.68 -8.65
N GLY A 229 17.49 1.40 -8.45
CA GLY A 229 18.50 0.40 -8.15
C GLY A 229 17.95 -1.02 -8.19
N ALA A 230 18.86 -2.02 -8.13
CA ALA A 230 18.48 -3.44 -8.18
C ALA A 230 17.95 -3.96 -6.82
N ASN A 231 17.96 -3.14 -5.76
CA ASN A 231 17.46 -3.53 -4.44
C ASN A 231 17.17 -2.28 -3.60
N GLU A 232 16.55 -2.45 -2.42
CA GLU A 232 16.16 -1.33 -1.54
C GLU A 232 17.36 -0.48 -1.11
N TYR A 233 18.45 -1.13 -0.65
CA TYR A 233 19.62 -0.38 -0.18
C TYR A 233 20.31 0.39 -1.32
N ASP A 234 20.30 -0.15 -2.54
CA ASP A 234 20.89 0.52 -3.72
C ASP A 234 20.08 1.76 -4.11
N ILE A 235 18.74 1.74 -3.90
CA ILE A 235 17.89 2.89 -4.21
C ILE A 235 18.20 4.00 -3.20
N LEU A 236 18.29 3.65 -1.89
CA LEU A 236 18.57 4.61 -0.84
C LEU A 236 19.96 5.24 -0.99
N LYS A 237 20.93 4.50 -1.57
CA LYS A 237 22.28 5.00 -1.83
C LYS A 237 22.22 6.16 -2.83
N LYS A 238 21.47 5.98 -3.94
CA LYS A 238 21.31 7.01 -4.98
C LYS A 238 20.57 8.23 -4.42
N VAL A 239 19.55 8.00 -3.58
CA VAL A 239 18.75 9.06 -2.95
C VAL A 239 19.64 9.89 -2.02
N GLU A 240 20.45 9.20 -1.19
CA GLU A 240 21.36 9.86 -0.25
C GLU A 240 22.37 10.75 -1.00
N LYS A 241 22.90 10.27 -2.14
CA LYS A 241 23.82 11.08 -2.97
C LYS A 241 23.07 12.26 -3.59
N GLY A 242 21.81 12.00 -3.98
CA GLY A 242 20.92 13.03 -4.52
C GLY A 242 21.12 13.41 -5.97
N LYS A 243 21.91 12.62 -6.73
CA LYS A 243 22.18 12.90 -8.14
C LYS A 243 21.21 12.17 -9.06
N TYR A 244 20.70 12.89 -10.07
CA TYR A 244 19.78 12.36 -11.08
C TYR A 244 20.02 13.15 -12.38
N THR A 245 19.52 12.65 -13.52
CA THR A 245 19.71 13.31 -14.82
C THR A 245 18.44 13.27 -15.66
N PHE A 246 18.36 14.15 -16.67
CA PHE A 246 17.27 14.18 -17.66
C PHE A 246 17.86 13.70 -18.99
N GLU A 247 18.70 12.63 -18.95
CA GLU A 247 19.41 12.12 -20.12
C GLU A 247 18.64 11.00 -20.85
N LEU A 248 17.47 10.58 -20.34
CA LEU A 248 16.66 9.57 -21.03
C LEU A 248 16.05 10.20 -22.30
N PRO A 249 15.87 9.44 -23.42
CA PRO A 249 15.35 10.07 -24.65
C PRO A 249 13.94 10.67 -24.52
N GLN A 250 13.11 10.15 -23.59
CA GLN A 250 11.73 10.63 -23.41
C GLN A 250 11.67 12.08 -22.83
N TRP A 251 12.76 12.59 -22.21
CA TRP A 251 12.77 13.95 -21.66
C TRP A 251 12.87 15.03 -22.77
N LYS A 252 13.19 14.66 -24.03
CA LYS A 252 13.26 15.62 -25.14
C LYS A 252 11.87 16.18 -25.50
N LYS A 253 10.81 15.35 -25.38
CA LYS A 253 9.44 15.76 -25.67
C LYS A 253 8.82 16.64 -24.56
N VAL A 254 9.45 16.68 -23.36
CA VAL A 254 8.95 17.45 -22.22
C VAL A 254 9.56 18.88 -22.24
N SER A 255 8.80 19.86 -21.71
CA SER A 255 9.22 21.27 -21.69
C SER A 255 10.35 21.54 -20.69
N GLU A 256 11.00 22.71 -20.83
CA GLU A 256 12.10 23.14 -19.96
C GLU A 256 11.56 23.60 -18.60
N SER A 257 10.36 24.23 -18.57
CA SER A 257 9.75 24.70 -17.32
C SER A 257 9.36 23.53 -16.41
N ALA A 258 8.97 22.37 -16.98
CA ALA A 258 8.67 21.17 -16.20
C ALA A 258 9.94 20.67 -15.51
N LYS A 259 11.07 20.71 -16.23
CA LYS A 259 12.37 20.29 -15.71
C LYS A 259 12.86 21.28 -14.65
N ASP A 260 12.64 22.60 -14.85
CA ASP A 260 13.02 23.62 -13.88
C ASP A 260 12.31 23.41 -12.55
N LEU A 261 11.01 23.07 -12.58
CA LEU A 261 10.25 22.81 -11.36
C LEU A 261 10.82 21.59 -10.64
N ILE A 262 11.12 20.51 -11.39
CA ILE A 262 11.71 19.29 -10.82
C ILE A 262 13.07 19.60 -10.19
N ARG A 263 13.89 20.45 -10.87
CA ARG A 263 15.20 20.84 -10.35
C ARG A 263 15.05 21.56 -9.00
N LYS A 264 14.05 22.45 -8.89
CA LYS A 264 13.78 23.19 -7.67
C LYS A 264 13.15 22.27 -6.59
N MET A 265 12.30 21.31 -7.00
CA MET A 265 11.67 20.38 -6.06
C MET A 265 12.66 19.30 -5.56
N LEU A 266 13.64 18.92 -6.40
CA LEU A 266 14.63 17.90 -6.01
C LEU A 266 15.98 18.56 -5.67
N THR A 267 15.95 19.69 -4.93
CA THR A 267 17.16 20.36 -4.45
C THR A 267 17.55 19.61 -3.18
N TYR A 268 18.83 19.28 -3.04
CA TYR A 268 19.28 18.45 -1.92
C TYR A 268 19.07 19.14 -0.56
N VAL A 269 19.55 20.39 -0.40
CA VAL A 269 19.43 21.11 0.87
C VAL A 269 17.98 21.63 1.02
N PRO A 270 17.24 21.20 2.07
CA PRO A 270 15.82 21.60 2.19
C PRO A 270 15.58 23.11 2.29
N SER A 271 16.48 23.88 2.90
CA SER A 271 16.31 25.35 2.98
C SER A 271 16.36 26.01 1.59
N MET A 272 17.13 25.44 0.63
CA MET A 272 17.23 25.97 -0.73
CA MET A 272 17.23 25.97 -0.73
C MET A 272 16.10 25.43 -1.62
N ARG A 273 15.49 24.31 -1.22
CA ARG A 273 14.40 23.68 -1.95
C ARG A 273 13.15 24.56 -1.92
N ILE A 274 12.39 24.57 -3.03
CA ILE A 274 11.17 25.35 -3.15
C ILE A 274 10.12 24.85 -2.14
N SER A 275 9.23 25.75 -1.72
CA SER A 275 8.15 25.39 -0.80
C SER A 275 6.98 24.82 -1.60
N ALA A 276 5.98 24.24 -0.92
CA ALA A 276 4.80 23.72 -1.60
C ALA A 276 4.00 24.89 -2.20
N ARG A 277 3.92 26.01 -1.45
CA ARG A 277 3.19 27.23 -1.87
C ARG A 277 3.82 27.85 -3.12
N ASP A 278 5.16 28.00 -3.13
CA ASP A 278 5.85 28.62 -4.28
C ASP A 278 5.85 27.68 -5.51
N ALA A 279 5.70 26.35 -5.30
CA ALA A 279 5.63 25.41 -6.43
C ALA A 279 4.31 25.60 -7.22
N LEU A 280 3.22 26.07 -6.56
CA LEU A 280 1.95 26.37 -7.24
C LEU A 280 2.07 27.59 -8.16
N ASP A 281 2.84 28.61 -7.76
CA ASP A 281 3.03 29.83 -8.56
C ASP A 281 4.10 29.66 -9.66
N HIS A 282 4.72 28.47 -9.79
CA HIS A 282 5.73 28.22 -10.83
C HIS A 282 5.12 28.33 -12.22
N GLU A 283 5.92 28.80 -13.20
CA GLU A 283 5.49 28.99 -14.59
C GLU A 283 4.85 27.73 -15.20
N TRP A 284 5.37 26.53 -14.87
CA TRP A 284 4.82 25.28 -15.40
C TRP A 284 3.40 25.03 -14.88
N ILE A 285 3.16 25.22 -13.57
CA ILE A 285 1.83 25.01 -12.99
C ILE A 285 0.86 26.11 -13.50
N GLN A 286 1.34 27.35 -13.63
CA GLN A 286 0.48 28.45 -14.09
C GLN A 286 0.11 28.31 -15.58
N THR A 287 1.06 27.85 -16.42
CA THR A 287 0.84 27.73 -17.88
C THR A 287 0.01 26.49 -18.27
N TYR A 288 0.28 25.32 -17.66
CA TYR A 288 -0.36 24.06 -18.08
C TYR A 288 -1.70 23.77 -17.36
N THR A 289 -2.11 24.54 -16.33
CA THR A 289 -3.42 24.33 -15.68
C THR A 289 -4.44 25.39 -16.12
N LYS A 290 -4.00 26.66 -16.29
CA LYS A 290 -4.89 27.74 -16.74
C LYS A 290 -5.02 27.73 -18.26
N ASP A 296 1.33 24.15 -27.83
CA ASP A 296 0.92 22.79 -28.10
C ASP A 296 1.34 21.85 -26.97
N VAL A 297 0.63 20.71 -26.81
CA VAL A 297 0.91 19.71 -25.78
C VAL A 297 0.73 18.29 -26.36
N PRO A 298 1.84 17.59 -26.72
CA PRO A 298 1.69 16.24 -27.29
C PRO A 298 1.57 15.18 -26.19
N SER A 299 1.10 13.98 -26.58
CA SER A 299 0.95 12.86 -25.63
C SER A 299 2.30 12.21 -25.37
N LEU A 300 2.55 11.82 -24.11
CA LEU A 300 3.80 11.18 -23.69
C LEU A 300 3.58 9.66 -23.73
N ASP A 301 3.71 9.07 -24.94
CA ASP A 301 3.47 7.63 -25.16
C ASP A 301 4.53 6.76 -24.48
N ASN A 302 5.81 7.17 -24.54
CA ASN A 302 6.90 6.41 -23.90
C ASN A 302 6.75 6.41 -22.36
N ALA A 303 6.20 7.49 -21.79
CA ALA A 303 5.99 7.60 -20.35
C ALA A 303 4.89 6.66 -19.86
N ILE A 304 3.75 6.55 -20.59
CA ILE A 304 2.64 5.68 -20.20
C ILE A 304 3.10 4.22 -20.18
N LEU A 305 3.82 3.78 -21.22
CA LEU A 305 4.32 2.41 -21.34
C LEU A 305 5.27 2.08 -20.18
N ASN A 306 6.11 3.06 -19.78
CA ASN A 306 7.05 2.89 -18.67
C ASN A 306 6.31 2.91 -17.30
N ILE A 307 5.23 3.72 -17.15
CA ILE A 307 4.43 3.73 -15.92
C ILE A 307 3.68 2.39 -15.82
N ARG A 308 3.19 1.86 -16.95
CA ARG A 308 2.50 0.58 -17.01
C ARG A 308 3.44 -0.56 -16.58
N GLN A 309 4.69 -0.55 -17.08
CA GLN A 309 5.68 -1.56 -16.71
C GLN A 309 6.06 -1.40 -15.23
N PHE A 310 6.33 -0.16 -14.80
CA PHE A 310 6.68 0.13 -13.41
C PHE A 310 5.57 -0.31 -12.44
N GLN A 311 4.31 0.08 -12.71
CA GLN A 311 3.18 -0.27 -11.83
C GLN A 311 2.99 -1.78 -11.73
N GLY A 312 3.07 -2.48 -12.86
CA GLY A 312 2.95 -3.93 -12.90
C GLY A 312 4.04 -4.63 -12.10
N THR A 313 5.29 -4.13 -12.21
CA THR A 313 6.44 -4.66 -11.47
C THR A 313 6.26 -4.44 -9.96
N GLN A 314 5.82 -3.24 -9.55
CA GLN A 314 5.60 -2.91 -8.15
C GLN A 314 4.47 -3.77 -7.53
N LYS A 315 3.39 -3.99 -8.29
CA LYS A 315 2.24 -4.75 -7.80
C LYS A 315 2.54 -6.26 -7.68
N LEU A 316 3.33 -6.82 -8.64
CA LEU A 316 3.68 -8.25 -8.60
C LEU A 316 4.64 -8.53 -7.44
N ALA A 317 5.59 -7.61 -7.18
CA ALA A 317 6.53 -7.73 -6.06
C ALA A 317 5.77 -7.72 -4.73
N GLN A 318 4.80 -6.80 -4.60
CA GLN A 318 3.96 -6.71 -3.40
C GLN A 318 3.10 -7.96 -3.24
N ALA A 319 2.48 -8.42 -4.33
CA ALA A 319 1.63 -9.63 -4.31
C ALA A 319 2.45 -10.88 -3.94
N ALA A 320 3.73 -10.95 -4.37
CA ALA A 320 4.61 -12.07 -4.03
C ALA A 320 4.89 -12.11 -2.53
N LEU A 321 5.23 -10.96 -1.93
CA LEU A 321 5.51 -10.88 -0.49
C LEU A 321 4.26 -11.14 0.35
N LEU A 322 3.08 -10.65 -0.09
CA LEU A 322 1.82 -10.87 0.63
C LEU A 322 1.36 -12.33 0.49
N TYR A 323 1.68 -12.99 -0.65
CA TYR A 323 1.37 -14.40 -0.86
C TYR A 323 2.21 -15.26 0.08
N MET A 324 3.51 -14.95 0.17
CA MET A 324 4.43 -15.68 1.07
C MET A 324 4.05 -15.44 2.55
N GLY A 325 3.61 -14.23 2.86
CA GLY A 325 3.19 -13.88 4.21
C GLY A 325 1.92 -14.58 4.62
N SER A 326 0.89 -14.52 3.74
CA SER A 326 -0.41 -15.17 3.98
C SER A 326 -0.26 -16.69 4.17
N LYS A 327 0.65 -17.33 3.41
CA LYS A 327 0.89 -18.77 3.53
C LYS A 327 1.44 -19.09 4.91
N LEU A 328 2.46 -18.33 5.38
CA LEU A 328 3.06 -18.52 6.70
C LEU A 328 2.02 -18.36 7.85
N THR A 329 1.16 -17.31 7.78
CA THR A 329 0.12 -17.10 8.81
C THR A 329 -0.92 -18.21 8.77
N SER A 330 -1.24 -18.73 7.57
CA SER A 330 -2.22 -19.82 7.41
C SER A 330 -1.70 -21.13 8.02
N GLN A 331 -0.37 -21.38 7.99
CA GLN A 331 0.19 -22.61 8.58
C GLN A 331 0.12 -22.50 10.11
N ASP A 332 0.51 -21.34 10.66
CA ASP A 332 0.46 -21.04 12.09
C ASP A 332 -0.99 -21.14 12.61
N GLU A 333 -1.94 -20.52 11.89
CA GLU A 333 -3.36 -20.56 12.28
C GLU A 333 -3.98 -21.94 12.08
N THR A 334 -3.51 -22.74 11.08
CA THR A 334 -4.04 -24.10 10.87
C THR A 334 -3.66 -25.00 12.06
N LYS A 335 -2.39 -24.97 12.49
CA LYS A 335 -1.92 -25.77 13.61
C LYS A 335 -2.52 -25.27 14.95
N GLU A 336 -2.74 -23.95 15.09
CA GLU A 336 -3.32 -23.37 16.31
C GLU A 336 -4.81 -23.70 16.40
N LEU A 337 -5.56 -23.56 15.29
CA LEU A 337 -6.99 -23.84 15.27
C LEU A 337 -7.25 -25.36 15.39
N THR A 338 -6.34 -26.21 14.87
CA THR A 338 -6.45 -27.67 15.02
C THR A 338 -6.21 -28.06 16.49
N ALA A 339 -5.23 -27.39 17.15
CA ALA A 339 -4.92 -27.65 18.57
C ALA A 339 -6.07 -27.23 19.49
N ILE A 340 -6.81 -26.17 19.13
CA ILE A 340 -7.95 -25.68 19.92
C ILE A 340 -9.12 -26.69 19.83
N PHE A 341 -9.45 -27.16 18.61
CA PHE A 341 -10.53 -28.12 18.40
C PHE A 341 -10.20 -29.49 18.97
N HIS A 342 -8.91 -29.90 18.96
CA HIS A 342 -8.50 -31.19 19.51
C HIS A 342 -8.73 -31.22 21.03
N LYS A 343 -8.43 -30.10 21.72
CA LYS A 343 -8.65 -29.99 23.18
C LYS A 343 -10.15 -29.99 23.51
N MET A 344 -10.97 -29.32 22.67
CA MET A 344 -12.42 -29.25 22.86
C MET A 344 -13.11 -30.59 22.56
N ASP A 345 -12.51 -31.44 21.70
CA ASP A 345 -13.08 -32.75 21.37
C ASP A 345 -12.92 -33.69 22.58
N LYS A 346 -14.00 -33.87 23.37
CA LYS A 346 -13.95 -34.67 24.60
C LYS A 346 -13.87 -36.18 24.31
N ASN A 347 -14.82 -36.72 23.51
CA ASN A 347 -14.84 -38.16 23.21
C ASN A 347 -13.68 -38.57 22.26
N GLY A 348 -13.24 -37.64 21.42
CA GLY A 348 -12.16 -37.89 20.48
C GLY A 348 -12.58 -38.56 19.19
N ASP A 349 -13.78 -38.21 18.67
CA ASP A 349 -14.30 -38.79 17.43
C ASP A 349 -13.94 -37.93 16.19
N GLY A 350 -13.35 -36.75 16.41
CA GLY A 350 -12.97 -35.84 15.34
C GLY A 350 -14.09 -34.94 14.84
N GLN A 351 -15.21 -34.84 15.59
CA GLN A 351 -16.37 -34.03 15.19
C GLN A 351 -16.78 -33.07 16.31
N LEU A 352 -17.33 -31.89 15.94
CA LEU A 352 -17.79 -30.88 16.91
C LEU A 352 -19.10 -30.23 16.45
N ASP A 353 -19.79 -29.54 17.38
CA ASP A 353 -21.06 -28.86 17.10
C ASP A 353 -20.82 -27.43 16.58
N ARG A 354 -21.88 -26.76 16.08
CA ARG A 354 -21.80 -25.38 15.57
C ARG A 354 -21.32 -24.42 16.67
N ALA A 355 -21.99 -24.46 17.84
CA ALA A 355 -21.65 -23.59 18.98
C ALA A 355 -20.20 -23.80 19.45
N GLU A 356 -19.71 -25.05 19.38
CA GLU A 356 -18.33 -25.37 19.77
C GLU A 356 -17.34 -24.73 18.78
N LEU A 357 -17.59 -24.92 17.46
CA LEU A 357 -16.73 -24.36 16.40
C LEU A 357 -16.62 -22.82 16.50
N ILE A 358 -17.70 -22.14 16.95
CA ILE A 358 -17.69 -20.68 17.15
C ILE A 358 -16.77 -20.32 18.32
N GLU A 359 -16.84 -21.09 19.43
CA GLU A 359 -15.99 -20.85 20.62
C GLU A 359 -14.50 -21.04 20.27
N GLY A 360 -14.20 -22.04 19.44
CA GLY A 360 -12.83 -22.33 19.03
C GLY A 360 -12.27 -21.31 18.05
N TYR A 361 -13.08 -20.87 17.07
CA TYR A 361 -12.63 -19.87 16.09
C TYR A 361 -12.43 -18.51 16.78
N LYS A 362 -13.32 -18.15 17.74
CA LYS A 362 -13.17 -16.90 18.50
C LYS A 362 -11.92 -16.97 19.40
N GLU A 363 -11.60 -18.17 19.93
CA GLU A 363 -10.40 -18.39 20.76
C GLU A 363 -9.12 -18.10 19.96
N LEU A 364 -9.11 -18.41 18.65
CA LEU A 364 -7.96 -18.13 17.77
C LEU A 364 -7.69 -16.62 17.72
N MET A 365 -8.74 -15.80 17.65
CA MET A 365 -8.62 -14.34 17.64
C MET A 365 -8.22 -13.81 19.03
N ARG A 366 -8.72 -14.43 20.12
CA ARG A 366 -8.35 -13.99 21.48
C ARG A 366 -6.86 -14.27 21.78
N MET A 367 -6.26 -15.31 21.15
CA MET A 367 -4.86 -15.69 21.38
C MET A 367 -3.91 -15.06 20.36
N LYS A 368 -4.25 -15.12 19.05
CA LYS A 368 -3.38 -14.60 17.97
C LYS A 368 -3.85 -13.22 17.43
N GLY A 369 -4.50 -12.41 18.28
CA GLY A 369 -4.97 -11.08 17.90
C GLY A 369 -6.22 -11.10 17.05
N GLN A 370 -7.14 -10.15 17.29
CA GLN A 370 -8.40 -10.06 16.54
C GLN A 370 -8.15 -9.73 15.06
N ASP A 371 -8.93 -10.34 14.16
CA ASP A 371 -8.78 -10.09 12.71
C ASP A 371 -9.36 -8.74 12.35
N ALA A 372 -8.86 -8.14 11.26
CA ALA A 372 -9.33 -6.83 10.79
C ALA A 372 -10.77 -6.90 10.30
N SER A 373 -11.12 -7.97 9.54
CA SER A 373 -12.47 -8.19 9.03
C SER A 373 -13.45 -8.52 10.16
N MET A 374 -13.01 -9.33 11.14
CA MET A 374 -13.84 -9.74 12.28
C MET A 374 -13.90 -8.59 13.30
N LEU A 375 -14.84 -7.66 13.12
CA LEU A 375 -14.97 -6.47 13.99
C LEU A 375 -15.55 -6.83 15.37
N ASP A 376 -16.50 -7.78 15.43
CA ASP A 376 -17.14 -8.17 16.70
C ASP A 376 -17.48 -9.67 16.71
N ALA A 377 -18.13 -10.17 17.79
CA ALA A 377 -18.53 -11.58 17.92
C ALA A 377 -19.55 -12.00 16.85
N SER A 378 -20.42 -11.07 16.40
CA SER A 378 -21.42 -11.36 15.37
C SER A 378 -20.75 -11.63 14.00
N ALA A 379 -19.62 -10.96 13.72
CA ALA A 379 -18.87 -11.16 12.48
C ALA A 379 -18.22 -12.55 12.44
N VAL A 380 -17.82 -13.07 13.62
CA VAL A 380 -17.23 -14.41 13.73
C VAL A 380 -18.31 -15.47 13.50
N GLU A 381 -19.49 -15.30 14.14
CA GLU A 381 -20.62 -16.22 13.97
C GLU A 381 -21.06 -16.32 12.50
N HIS A 382 -21.01 -15.19 11.75
CA HIS A 382 -21.36 -15.17 10.33
C HIS A 382 -20.29 -15.89 9.50
N GLU A 383 -19.00 -15.62 9.78
CA GLU A 383 -17.89 -16.25 9.05
C GLU A 383 -17.90 -17.78 9.25
N VAL A 384 -18.23 -18.25 10.46
CA VAL A 384 -18.31 -19.68 10.75
C VAL A 384 -19.46 -20.30 9.93
N ASP A 385 -20.62 -19.62 9.85
CA ASP A 385 -21.77 -20.11 9.07
C ASP A 385 -21.43 -20.19 7.58
N GLN A 386 -20.63 -19.22 7.06
CA GLN A 386 -20.23 -19.22 5.65
C GLN A 386 -19.32 -20.43 5.32
N VAL A 387 -18.50 -20.89 6.30
CA VAL A 387 -17.66 -22.07 6.13
C VAL A 387 -18.54 -23.34 6.17
N LEU A 388 -19.47 -23.41 7.14
CA LEU A 388 -20.36 -24.57 7.31
C LEU A 388 -21.30 -24.80 6.11
N ASP A 389 -21.62 -23.74 5.33
CA ASP A 389 -22.45 -23.89 4.13
C ASP A 389 -21.74 -24.77 3.10
N ALA A 390 -20.41 -24.55 2.92
CA ALA A 390 -19.59 -25.37 2.03
C ALA A 390 -19.23 -26.68 2.73
N VAL A 391 -18.66 -26.60 3.94
CA VAL A 391 -18.26 -27.77 4.73
C VAL A 391 -19.41 -28.18 5.65
N GLU A 400 -17.10 -32.80 11.20
CA GLU A 400 -15.68 -33.06 11.00
C GLU A 400 -14.91 -31.73 11.07
N TYR A 401 -14.20 -31.47 12.19
CA TYR A 401 -13.49 -30.20 12.36
C TYR A 401 -12.23 -30.12 11.49
N SER A 402 -11.62 -31.25 11.08
CA SER A 402 -10.44 -31.22 10.21
C SER A 402 -10.81 -30.63 8.82
N GLU A 403 -12.03 -30.93 8.33
CA GLU A 403 -12.52 -30.39 7.05
C GLU A 403 -12.89 -28.91 7.19
N PHE A 404 -13.40 -28.49 8.37
CA PHE A 404 -13.77 -27.10 8.65
C PHE A 404 -12.53 -26.19 8.64
N VAL A 405 -11.39 -26.65 9.20
CA VAL A 405 -10.14 -25.86 9.24
C VAL A 405 -9.66 -25.59 7.81
N THR A 406 -9.57 -26.65 6.98
CA THR A 406 -9.10 -26.55 5.60
C THR A 406 -9.89 -25.49 4.80
N VAL A 407 -11.23 -25.47 4.92
CA VAL A 407 -12.06 -24.50 4.20
C VAL A 407 -11.88 -23.10 4.82
N ALA A 408 -12.03 -22.99 6.16
CA ALA A 408 -11.91 -21.71 6.88
C ALA A 408 -10.57 -21.01 6.60
N MET A 409 -9.47 -21.78 6.51
CA MET A 409 -8.13 -21.23 6.27
C MET A 409 -7.85 -20.96 4.78
N ASP A 410 -8.49 -21.72 3.86
CA ASP A 410 -8.31 -21.46 2.41
C ASP A 410 -9.03 -20.16 2.00
N ARG A 411 -10.10 -19.77 2.72
CA ARG A 411 -10.82 -18.52 2.46
C ARG A 411 -9.99 -17.29 2.88
N LYS A 412 -9.11 -17.45 3.89
CA LYS A 412 -8.23 -16.37 4.36
C LYS A 412 -7.19 -16.03 3.29
N THR A 413 -6.65 -17.05 2.61
CA THR A 413 -5.64 -16.88 1.56
C THR A 413 -6.29 -16.61 0.18
N LEU A 414 -7.58 -16.99 -0.01
CA LEU A 414 -8.33 -16.81 -1.28
C LEU A 414 -8.00 -15.49 -2.00
N LEU A 415 -7.95 -14.37 -1.25
CA LEU A 415 -7.65 -13.05 -1.82
C LEU A 415 -6.19 -12.96 -2.28
N SER A 416 -5.24 -13.40 -1.43
CA SER A 416 -3.81 -13.31 -1.75
C SER A 416 -3.38 -14.27 -2.90
N ARG A 417 -4.05 -15.44 -3.05
CA ARG A 417 -3.71 -16.40 -4.11
C ARG A 417 -4.12 -15.87 -5.49
N GLU A 418 -5.37 -15.37 -5.62
CA GLU A 418 -5.87 -14.84 -6.89
C GLU A 418 -5.24 -13.47 -7.22
N ARG A 419 -4.79 -12.70 -6.20
CA ARG A 419 -4.11 -11.42 -6.43
C ARG A 419 -2.74 -11.66 -7.05
N LEU A 420 -2.04 -12.74 -6.62
CA LEU A 420 -0.73 -13.12 -7.18
C LEU A 420 -0.88 -13.53 -8.65
N GLU A 421 -1.91 -14.35 -8.95
CA GLU A 421 -2.14 -14.79 -10.32
C GLU A 421 -2.53 -13.60 -11.18
N ARG A 422 -3.43 -12.73 -10.69
CA ARG A 422 -3.85 -11.53 -11.42
C ARG A 422 -2.65 -10.59 -11.66
N ALA A 423 -1.77 -10.43 -10.65
CA ALA A 423 -0.59 -9.57 -10.79
C ALA A 423 0.43 -10.16 -11.78
N PHE A 424 0.56 -11.50 -11.81
CA PHE A 424 1.45 -12.17 -12.77
C PHE A 424 0.91 -11.99 -14.20
N ARG A 425 -0.43 -12.09 -14.38
CA ARG A 425 -1.05 -11.91 -15.70
C ARG A 425 -0.92 -10.47 -16.19
N MET A 426 -1.02 -9.47 -15.28
CA MET A 426 -0.88 -8.06 -15.67
C MET A 426 0.58 -7.75 -16.02
N PHE A 427 1.53 -8.30 -15.24
CA PHE A 427 2.97 -8.13 -15.49
C PHE A 427 3.35 -8.73 -16.85
N ASP A 428 2.83 -9.93 -17.14
CA ASP A 428 3.04 -10.57 -18.44
C ASP A 428 2.14 -9.86 -19.48
N SER A 429 2.58 -8.67 -19.93
CA SER A 429 1.80 -7.81 -20.84
C SER A 429 1.68 -8.40 -22.25
N ASP A 430 2.67 -9.18 -22.72
CA ASP A 430 2.63 -9.80 -24.05
C ASP A 430 1.85 -11.15 -24.04
N ASN A 431 1.34 -11.59 -22.85
CA ASN A 431 0.55 -12.82 -22.68
C ASN A 431 1.29 -14.07 -23.20
N SER A 432 2.60 -14.14 -22.95
CA SER A 432 3.43 -15.28 -23.34
C SER A 432 3.28 -16.43 -22.33
N GLY A 433 2.77 -16.12 -21.14
CA GLY A 433 2.59 -17.08 -20.06
C GLY A 433 3.84 -17.29 -19.21
N LYS A 434 4.97 -16.67 -19.59
CA LYS A 434 6.25 -16.84 -18.91
C LYS A 434 6.82 -15.50 -18.45
N ILE A 435 7.74 -15.57 -17.47
CA ILE A 435 8.48 -14.41 -16.94
C ILE A 435 9.97 -14.77 -17.04
N SER A 436 10.77 -13.93 -17.76
CA SER A 436 12.19 -14.18 -17.99
C SER A 436 13.05 -14.02 -16.74
N SER A 437 14.32 -14.50 -16.80
CA SER A 437 15.28 -14.39 -15.69
C SER A 437 15.58 -12.92 -15.36
N THR A 438 15.69 -12.07 -16.40
CA THR A 438 15.93 -10.63 -16.21
C THR A 438 14.75 -10.01 -15.46
N GLU A 439 13.52 -10.42 -15.79
CA GLU A 439 12.33 -9.93 -15.11
C GLU A 439 12.26 -10.45 -13.66
N LEU A 440 12.67 -11.73 -13.41
CA LEU A 440 12.70 -12.26 -12.04
C LEU A 440 13.67 -11.46 -11.18
N ALA A 441 14.84 -11.10 -11.72
CA ALA A 441 15.84 -10.30 -11.00
C ALA A 441 15.26 -8.93 -10.61
N THR A 442 14.48 -8.31 -11.51
CA THR A 442 13.82 -7.03 -11.24
C THR A 442 12.72 -7.21 -10.18
N ILE A 443 11.87 -8.26 -10.33
CA ILE A 443 10.79 -8.56 -9.39
C ILE A 443 11.36 -8.83 -7.99
N PHE A 444 12.30 -9.79 -7.90
CA PHE A 444 12.92 -10.17 -6.62
C PHE A 444 13.78 -9.03 -6.06
N GLY A 445 14.29 -8.17 -6.95
CA GLY A 445 15.04 -6.98 -6.55
C GLY A 445 14.16 -6.00 -5.80
N VAL A 446 12.94 -5.74 -6.31
CA VAL A 446 11.97 -4.86 -5.64
C VAL A 446 11.45 -5.55 -4.36
N SER A 447 11.34 -6.90 -4.36
CA SER A 447 10.92 -7.67 -3.18
C SER A 447 12.07 -7.84 -2.16
N ASP A 448 13.31 -7.48 -2.55
CA ASP A 448 14.51 -7.54 -1.71
C ASP A 448 14.87 -8.99 -1.32
N VAL A 449 14.66 -9.94 -2.26
CA VAL A 449 15.06 -11.33 -2.07
C VAL A 449 16.46 -11.43 -2.66
N ASP A 450 17.44 -11.89 -1.85
CA ASP A 450 18.85 -11.99 -2.27
C ASP A 450 18.98 -12.72 -3.62
N SER A 451 19.89 -12.24 -4.48
CA SER A 451 20.11 -12.79 -5.83
C SER A 451 20.44 -14.28 -5.81
N GLU A 452 21.40 -14.71 -4.96
CA GLU A 452 21.82 -16.11 -4.88
C GLU A 452 20.73 -17.02 -4.27
N THR A 453 19.79 -16.45 -3.48
CA THR A 453 18.73 -17.24 -2.84
C THR A 453 17.64 -17.65 -3.86
N TRP A 454 17.12 -16.70 -4.68
CA TRP A 454 16.07 -17.06 -5.65
C TRP A 454 16.67 -17.88 -6.81
N LYS A 455 17.94 -17.63 -7.20
CA LYS A 455 18.60 -18.41 -8.25
C LYS A 455 18.79 -19.87 -7.82
N SER A 456 19.01 -20.10 -6.51
CA SER A 456 19.15 -21.44 -5.95
C SER A 456 17.78 -22.14 -5.88
N VAL A 457 16.73 -21.38 -5.51
CA VAL A 457 15.35 -21.89 -5.43
C VAL A 457 14.83 -22.20 -6.85
N LEU A 458 15.22 -21.38 -7.85
CA LEU A 458 14.84 -21.60 -9.26
C LEU A 458 15.34 -22.96 -9.76
N SER A 459 16.60 -23.32 -9.41
CA SER A 459 17.22 -24.59 -9.82
C SER A 459 16.50 -25.82 -9.23
N GLU A 460 15.81 -25.68 -8.08
CA GLU A 460 15.09 -26.80 -7.46
C GLU A 460 13.83 -27.19 -8.29
N VAL A 461 13.21 -26.20 -9.00
CA VAL A 461 12.03 -26.45 -9.85
C VAL A 461 12.46 -26.53 -11.32
N ASP A 462 13.12 -25.47 -11.85
CA ASP A 462 13.59 -25.43 -13.24
C ASP A 462 14.94 -26.16 -13.34
N LYS A 463 14.92 -27.46 -13.67
CA LYS A 463 16.13 -28.28 -13.80
C LYS A 463 16.64 -28.36 -15.27
N ASN A 464 15.95 -27.70 -16.23
CA ASN A 464 16.40 -27.70 -17.63
C ASN A 464 17.00 -26.33 -18.06
N ASN A 465 16.93 -25.30 -17.17
CA ASN A 465 17.51 -23.95 -17.39
C ASN A 465 17.07 -23.34 -18.74
N ASP A 466 15.82 -22.87 -18.81
CA ASP A 466 15.28 -22.21 -20.00
C ASP A 466 15.38 -20.66 -19.85
N GLY A 467 15.74 -20.19 -18.66
CA GLY A 467 15.86 -18.76 -18.39
C GLY A 467 14.51 -18.06 -18.27
N GLU A 468 13.44 -18.82 -18.03
CA GLU A 468 12.08 -18.28 -17.90
C GLU A 468 11.18 -19.26 -17.13
N VAL A 469 10.16 -18.73 -16.44
CA VAL A 469 9.25 -19.56 -15.63
C VAL A 469 7.80 -19.16 -15.90
N ASP A 470 6.89 -20.12 -15.76
CA ASP A 470 5.45 -19.89 -15.89
C ASP A 470 4.87 -19.53 -14.52
N PHE A 471 3.54 -19.36 -14.40
CA PHE A 471 2.93 -18.98 -13.13
C PHE A 471 3.11 -20.08 -12.06
N ASP A 472 2.82 -21.35 -12.40
CA ASP A 472 2.94 -22.47 -11.46
C ASP A 472 4.37 -22.56 -10.92
N GLU A 473 5.37 -22.49 -11.80
CA GLU A 473 6.79 -22.53 -11.40
C GLU A 473 7.14 -21.31 -10.54
N PHE A 474 6.65 -20.10 -10.93
CA PHE A 474 6.88 -18.88 -10.15
C PHE A 474 6.26 -19.02 -8.74
N GLN A 475 5.04 -19.56 -8.65
CA GLN A 475 4.38 -19.79 -7.36
C GLN A 475 5.17 -20.82 -6.54
N GLN A 476 5.68 -21.88 -7.19
CA GLN A 476 6.51 -22.89 -6.52
C GLN A 476 7.78 -22.27 -5.94
N MET A 477 8.38 -21.27 -6.62
CA MET A 477 9.58 -20.58 -6.11
C MET A 477 9.23 -19.83 -4.81
N LEU A 478 8.12 -19.08 -4.81
CA LEU A 478 7.68 -18.32 -3.63
C LEU A 478 7.38 -19.24 -2.46
N LEU A 479 6.77 -20.41 -2.73
CA LEU A 479 6.49 -21.40 -1.68
C LEU A 479 7.80 -21.92 -1.06
N LYS A 480 8.82 -22.20 -1.91
CA LYS A 480 10.12 -22.67 -1.43
C LYS A 480 10.85 -21.57 -0.62
N LEU A 481 10.64 -20.29 -0.96
CA LEU A 481 11.26 -19.17 -0.25
C LEU A 481 10.65 -18.97 1.16
N CYS A 482 9.42 -19.46 1.42
CA CYS A 482 8.78 -19.32 2.75
C CYS A 482 8.63 -20.72 3.43
N GLY A 483 9.66 -21.55 3.31
CA GLY A 483 9.71 -22.85 3.98
C GLY A 483 8.71 -23.90 3.52
N ASN A 484 8.62 -24.15 2.20
CA ASN A 484 7.76 -25.21 1.65
C ASN A 484 8.45 -25.86 0.43
C4 9YJ B . -10.03 5.13 2.03
C5 9YJ B . -8.83 4.36 1.96
C6 9YJ B . -8.87 3.24 1.11
N1 9YJ B . -9.92 2.83 0.38
N3 9YJ B . -11.10 4.74 1.30
CAJ 9YJ B . -5.65 1.26 0.85
CAI 9YJ B . -7.05 1.58 0.32
CAK 9YJ B . -6.96 1.91 -1.17
CAL 9YJ B . -7.95 0.38 0.52
NAH 9YJ B . -7.62 2.77 1.05
NAG 9YJ B . -6.76 3.55 1.81
C2 9YJ B . -10.98 3.64 0.54
NAR 9YJ B . -10.12 6.26 2.72
CAF 9YJ B . -7.37 4.50 2.42
SAE 9YJ B . -6.44 5.36 3.68
CAD 9YJ B . -7.48 5.62 5.08
CAC 9YJ B . -6.95 6.44 6.08
CAB 9YJ B . -7.52 6.42 7.33
CL 9YJ B . -6.75 7.29 8.62
CAV 9YJ B . -8.65 5.67 7.60
CAU 9YJ B . -9.18 4.88 6.60
CAT 9YJ B . -8.61 4.85 5.34
#